data_8GLG
#
_entry.id   8GLG
#
_cell.length_a   58.074
_cell.length_b   80.529
_cell.length_c   92.979
_cell.angle_alpha   90.00
_cell.angle_beta   90.00
_cell.angle_gamma   90.00
#
_symmetry.space_group_name_H-M   'P 21 21 21'
#
loop_
_entity.id
_entity.type
_entity.pdbx_description
1 polymer 'T-cell surface glycoprotein CD1b'
2 polymer Beta-2-microglobulin
3 branched alpha-D-mannopyranose-(1-3)-[alpha-D-mannopyranose-(1-6)]beta-D-mannopyranose-(1-4)-2-acetamido-2-deoxy-beta-D-glucopyranose-(1-4)-[alpha-L-fucopyranose-(1-3)][alpha-L-fucopyranose-(1-6)]2-acetamido-2-deoxy-beta-D-glucopyranose
4 branched alpha-L-fucopyranose-(1-3)-[2-acetamido-2-deoxy-beta-D-glucopyranose-(1-4)][alpha-L-fucopyranose-(1-6)]2-acetamido-2-deoxy-beta-D-glucopyranose
5 non-polymer '(1S)-2-{[(S)-(2-aminoethoxy)(hydroxy)phosphoryl]oxy}-1-[(octadecanoyloxy)methyl]ethyl (9Z)-octadec-9-enoate'
6 non-polymer 'NICKEL (II) ION'
7 non-polymer 'tetracosyl octadecanoate'
8 non-polymer 'CHLORIDE ION'
9 non-polymer 'IODIDE ION'
10 non-polymer 1,2-ETHANEDIOL
11 water water
#
loop_
_entity_poly.entity_id
_entity_poly.type
_entity_poly.pdbx_seq_one_letter_code
_entity_poly.pdbx_strand_id
1 'polypeptide(L)'
;HAFQGPTSFHVIQTSSFTNSTWAQTQGSGWLDDLQIHGWDSDSGTAIFLKPWSKGNFSDKEVAELEEIFRVYIFGFAREV
QDFAGDFQMKYPFEIQGIAGCELHSGGAIVSFLRGALGGLDFLSVKNASCVPSPEGGSRAQKFCALIIQYQGIMETVRIL
LYETCPRYLLGVLNAGKADLQRQVKPEAWLSSGPSPGPGRLQLVCHVSGFYPKPVWVMWMRGEQEQQGTQLGDILPNANW
TWYLRATLDVADGEAAGLSCRVKHSSLEGQDIILYWRGSGLNDIFEAQKIEWHEHHHHHH
;
A
2 'polypeptide(L)'
;PKIQRTPKIQVYSRHPAENGKSNFLNCYVSGFHPSDIEVDLLKNGERIEKVEHSDLSFSKDWSFYLLYYTEFTPTEKDEY
ACRVNHVTLSQPKIVKWDRDM
;
B
#
loop_
_chem_comp.id
_chem_comp.type
_chem_comp.name
_chem_comp.formula
BMA D-saccharide, beta linking beta-D-mannopyranose 'C6 H12 O6'
CL non-polymer 'CHLORIDE ION' 'Cl -1'
CUY non-polymer 'tetracosyl octadecanoate' 'C42 H84 O2'
EDO non-polymer 1,2-ETHANEDIOL 'C2 H6 O2'
FUC L-saccharide, alpha linking alpha-L-fucopyranose 'C6 H12 O5'
IOD non-polymer 'IODIDE ION' 'I -1'
L9Q non-polymer '(1S)-2-{[(S)-(2-aminoethoxy)(hydroxy)phosphoryl]oxy}-1-[(octadecanoyloxy)methyl]ethyl (9Z)-octadec-9-enoate' 'C41 H80 N O8 P'
MAN D-saccharide, alpha linking alpha-D-mannopyranose 'C6 H12 O6'
NAG D-saccharide, beta linking 2-acetamido-2-deoxy-beta-D-glucopyranose 'C8 H15 N O6'
NI non-polymer 'NICKEL (II) ION' 'Ni 2'
#
# COMPACT_ATOMS: atom_id res chain seq x y z
N PHE A 3 -13.29 -9.47 16.26
CA PHE A 3 -12.13 -10.07 15.61
C PHE A 3 -11.18 -8.96 15.11
N GLN A 4 -9.88 -9.28 15.10
CA GLN A 4 -8.87 -8.35 14.64
C GLN A 4 -8.47 -8.64 13.18
N GLY A 5 -7.62 -7.81 12.61
CA GLY A 5 -7.22 -7.99 11.21
C GLY A 5 -8.17 -7.33 10.22
N PRO A 6 -7.95 -7.60 8.91
CA PRO A 6 -8.78 -6.97 7.85
C PRO A 6 -10.27 -7.29 7.93
N THR A 7 -11.12 -6.41 7.39
CA THR A 7 -12.60 -6.52 7.40
C THR A 7 -13.17 -6.20 6.01
N SER A 8 -12.31 -6.12 4.99
N SER A 8 -12.28 -6.18 5.01
CA SER A 8 -12.83 -5.84 3.63
CA SER A 8 -12.70 -5.79 3.65
C SER A 8 -12.02 -6.59 2.57
C SER A 8 -12.01 -6.65 2.59
N PHE A 9 -12.63 -6.76 1.41
CA PHE A 9 -12.01 -7.45 0.26
C PHE A 9 -12.19 -6.55 -0.97
N HIS A 10 -11.11 -6.36 -1.72
CA HIS A 10 -11.31 -5.64 -2.98
C HIS A 10 -10.34 -6.11 -4.06
N VAL A 11 -10.78 -5.92 -5.30
CA VAL A 11 -9.92 -6.15 -6.44
C VAL A 11 -9.56 -4.78 -7.01
N ILE A 12 -8.37 -4.65 -7.60
CA ILE A 12 -7.98 -3.42 -8.28
C ILE A 12 -7.53 -3.73 -9.70
N GLN A 13 -7.60 -2.71 -10.54
CA GLN A 13 -7.15 -2.75 -11.92
C GLN A 13 -6.42 -1.47 -12.21
N THR A 14 -5.28 -1.55 -12.89
CA THR A 14 -4.56 -0.40 -13.43
C THR A 14 -4.35 -0.72 -14.91
N SER A 15 -4.96 0.07 -15.82
CA SER A 15 -4.90 -0.14 -17.26
C SER A 15 -4.21 1.07 -17.88
N SER A 16 -3.03 0.83 -18.43
CA SER A 16 -2.16 1.87 -18.97
C SER A 16 -2.20 1.82 -20.47
N PHE A 17 -2.77 2.88 -21.07
CA PHE A 17 -2.92 3.02 -22.53
C PHE A 17 -1.78 3.86 -23.08
N THR A 18 -0.82 3.21 -23.74
CA THR A 18 0.35 3.91 -24.28
C THR A 18 -0.02 4.67 -25.54
N ASN A 19 -0.70 3.99 -26.47
CA ASN A 19 -1.17 4.56 -27.71
C ASN A 19 -2.38 3.75 -28.15
N SER A 20 -2.93 4.07 -29.34
CA SER A 20 -4.13 3.44 -29.88
C SER A 20 -3.98 1.92 -30.11
N THR A 21 -2.75 1.37 -30.10
CA THR A 21 -2.57 -0.07 -30.36
C THR A 21 -1.78 -0.80 -29.25
N TRP A 22 -1.54 -0.12 -28.08
CA TRP A 22 -0.83 -0.79 -27.00
C TRP A 22 -1.38 -0.36 -25.65
N ALA A 23 -1.95 -1.33 -24.92
CA ALA A 23 -2.49 -1.16 -23.57
C ALA A 23 -2.19 -2.40 -22.76
N GLN A 24 -1.90 -2.22 -21.47
CA GLN A 24 -1.59 -3.34 -20.58
C GLN A 24 -2.31 -3.11 -19.27
N THR A 25 -2.77 -4.20 -18.63
CA THR A 25 -3.52 -4.14 -17.38
C THR A 25 -2.79 -4.95 -16.30
N GLN A 26 -2.75 -4.41 -15.08
CA GLN A 26 -2.26 -5.05 -13.86
C GLN A 26 -3.44 -5.19 -12.93
N GLY A 27 -3.58 -6.33 -12.27
CA GLY A 27 -4.69 -6.54 -11.35
C GLY A 27 -4.28 -7.38 -10.16
N SER A 28 -5.03 -7.26 -9.07
CA SER A 28 -4.71 -7.99 -7.85
C SER A 28 -5.93 -7.93 -6.89
N GLY A 29 -5.92 -8.83 -5.92
CA GLY A 29 -6.97 -9.00 -4.90
C GLY A 29 -6.46 -8.79 -3.49
N TRP A 30 -7.20 -8.08 -2.65
CA TRP A 30 -6.64 -7.63 -1.36
C TRP A 30 -7.64 -7.77 -0.21
N LEU A 31 -7.13 -8.02 0.97
CA LEU A 31 -7.89 -7.95 2.24
C LEU A 31 -7.30 -6.73 2.95
N ASP A 32 -7.99 -5.60 2.87
CA ASP A 32 -7.47 -4.33 3.34
CA ASP A 32 -7.49 -4.30 3.29
C ASP A 32 -6.16 -4.08 2.51
N ASP A 33 -4.96 -3.96 3.17
CA ASP A 33 -3.66 -3.73 2.54
CA ASP A 33 -3.75 -3.76 2.35
C ASP A 33 -2.87 -5.02 2.25
N LEU A 34 -3.44 -6.21 2.57
CA LEU A 34 -2.73 -7.49 2.45
C LEU A 34 -3.08 -8.15 1.13
N GLN A 35 -2.10 -8.45 0.29
CA GLN A 35 -2.40 -9.04 -1.02
C GLN A 35 -2.68 -10.52 -0.89
N ILE A 36 -3.82 -10.98 -1.47
CA ILE A 36 -4.17 -12.42 -1.42
C ILE A 36 -4.30 -13.01 -2.84
N HIS A 37 -4.48 -12.17 -3.87
CA HIS A 37 -4.53 -12.61 -5.27
C HIS A 37 -3.61 -11.77 -6.14
N GLY A 38 -3.02 -12.40 -7.12
CA GLY A 38 -2.29 -11.67 -8.14
C GLY A 38 -2.95 -12.03 -9.47
N TRP A 39 -2.66 -11.27 -10.51
CA TRP A 39 -3.14 -11.58 -11.87
C TRP A 39 -1.95 -11.84 -12.76
N ASP A 40 -1.91 -13.01 -13.44
CA ASP A 40 -0.80 -13.36 -14.30
C ASP A 40 -1.17 -13.06 -15.74
N SER A 41 -0.58 -11.99 -16.30
N SER A 41 -0.62 -11.98 -16.30
CA SER A 41 -0.82 -11.54 -17.68
CA SER A 41 -0.92 -11.58 -17.67
C SER A 41 -0.37 -12.58 -18.72
C SER A 41 -0.40 -12.61 -18.71
N ASP A 42 0.62 -13.43 -18.37
CA ASP A 42 1.14 -14.50 -19.25
C ASP A 42 0.10 -15.58 -19.57
N SER A 43 -0.77 -15.86 -18.60
CA SER A 43 -1.75 -16.95 -18.69
C SER A 43 -3.19 -16.49 -18.67
N GLY A 44 -3.45 -15.27 -18.23
CA GLY A 44 -4.83 -14.81 -18.09
C GLY A 44 -5.56 -15.57 -17.00
N THR A 45 -4.85 -15.89 -15.90
CA THR A 45 -5.43 -16.55 -14.74
C THR A 45 -4.87 -15.90 -13.49
N ALA A 46 -5.52 -16.18 -12.37
CA ALA A 46 -5.12 -15.60 -11.10
C ALA A 46 -3.97 -16.39 -10.47
N ILE A 47 -3.31 -15.75 -9.51
CA ILE A 47 -2.25 -16.31 -8.67
C ILE A 47 -2.80 -16.29 -7.25
N PHE A 48 -2.92 -17.46 -6.63
CA PHE A 48 -3.47 -17.55 -5.27
C PHE A 48 -2.31 -17.51 -4.31
N LEU A 49 -2.18 -16.40 -3.60
CA LEU A 49 -0.99 -16.15 -2.78
C LEU A 49 -0.99 -16.85 -1.43
N LYS A 50 -2.15 -17.30 -0.97
CA LYS A 50 -2.27 -18.02 0.29
C LYS A 50 -3.03 -19.30 0.06
N PRO A 51 -2.79 -20.38 0.84
CA PRO A 51 -3.54 -21.64 0.60
C PRO A 51 -5.04 -21.50 0.78
N TRP A 52 -5.48 -20.44 1.48
CA TRP A 52 -6.89 -20.16 1.77
C TRP A 52 -7.48 -19.02 0.89
N SER A 53 -6.72 -18.54 -0.13
CA SER A 53 -7.16 -17.41 -0.97
C SER A 53 -8.48 -17.65 -1.73
N LYS A 54 -8.95 -18.92 -1.84
CA LYS A 54 -10.23 -19.16 -2.53
C LYS A 54 -11.41 -19.12 -1.54
N GLY A 55 -11.13 -18.83 -0.26
CA GLY A 55 -12.16 -18.74 0.76
C GLY A 55 -12.93 -20.05 0.84
N ASN A 56 -14.28 -19.96 0.79
CA ASN A 56 -15.13 -21.16 0.83
C ASN A 56 -15.71 -21.49 -0.56
N PHE A 57 -15.14 -20.88 -1.62
CA PHE A 57 -15.59 -21.10 -3.01
C PHE A 57 -15.01 -22.36 -3.59
N SER A 58 -15.83 -23.06 -4.37
CA SER A 58 -15.40 -24.28 -5.05
C SER A 58 -14.42 -23.92 -6.14
N ASP A 59 -13.58 -24.92 -6.58
CA ASP A 59 -12.61 -24.67 -7.65
C ASP A 59 -13.37 -24.29 -8.93
N LYS A 60 -14.57 -24.89 -9.16
CA LYS A 60 -15.40 -24.55 -10.32
C LYS A 60 -15.83 -23.08 -10.31
N GLU A 61 -16.34 -22.55 -9.16
CA GLU A 61 -16.80 -21.16 -9.07
C GLU A 61 -15.61 -20.20 -9.28
N VAL A 62 -14.46 -20.53 -8.68
CA VAL A 62 -13.25 -19.73 -8.80
C VAL A 62 -12.81 -19.67 -10.29
N ALA A 63 -12.81 -20.84 -11.00
CA ALA A 63 -12.41 -20.85 -12.41
C ALA A 63 -13.38 -19.97 -13.25
N GLU A 64 -14.68 -19.99 -12.91
CA GLU A 64 -15.72 -19.19 -13.57
C GLU A 64 -15.44 -17.71 -13.39
N LEU A 65 -15.05 -17.31 -12.15
CA LEU A 65 -14.70 -15.92 -11.87
C LEU A 65 -13.42 -15.50 -12.56
N GLU A 66 -12.37 -16.37 -12.58
CA GLU A 66 -11.14 -16.06 -13.31
C GLU A 66 -11.44 -15.81 -14.79
N GLU A 67 -12.37 -16.62 -15.37
CA GLU A 67 -12.73 -16.46 -16.78
C GLU A 67 -13.49 -15.14 -17.01
N ILE A 68 -14.38 -14.75 -16.06
CA ILE A 68 -15.05 -13.45 -16.15
C ILE A 68 -14.00 -12.34 -16.16
N PHE A 69 -12.99 -12.40 -15.26
CA PHE A 69 -11.97 -11.35 -15.24
C PHE A 69 -11.12 -11.37 -16.49
N ARG A 70 -10.80 -12.56 -17.03
CA ARG A 70 -9.98 -12.62 -18.23
C ARG A 70 -10.71 -11.98 -19.42
N VAL A 71 -12.01 -12.29 -19.58
CA VAL A 71 -12.80 -11.72 -20.66
C VAL A 71 -12.95 -10.21 -20.45
N TYR A 72 -13.17 -9.78 -19.18
CA TYR A 72 -13.30 -8.37 -18.83
C TYR A 72 -12.02 -7.59 -19.14
N ILE A 73 -10.84 -8.09 -18.72
CA ILE A 73 -9.57 -7.38 -18.94
C ILE A 73 -9.33 -7.18 -20.45
N PHE A 74 -9.54 -8.24 -21.26
CA PHE A 74 -9.34 -8.14 -22.69
C PHE A 74 -10.36 -7.18 -23.31
N GLY A 75 -11.63 -7.34 -22.94
CA GLY A 75 -12.73 -6.53 -23.47
C GLY A 75 -12.64 -5.07 -23.09
N PHE A 76 -12.14 -4.79 -21.89
CA PHE A 76 -11.99 -3.44 -21.40
C PHE A 76 -11.05 -2.67 -22.31
N ALA A 77 -9.86 -3.24 -22.57
CA ALA A 77 -8.87 -2.58 -23.43
C ALA A 77 -9.40 -2.45 -24.85
N ARG A 78 -10.08 -3.51 -25.36
CA ARG A 78 -10.66 -3.51 -26.70
C ARG A 78 -11.63 -2.35 -26.86
N GLU A 79 -12.58 -2.21 -25.90
CA GLU A 79 -13.63 -1.19 -25.96
C GLU A 79 -13.05 0.21 -25.76
N VAL A 80 -12.15 0.41 -24.78
CA VAL A 80 -11.57 1.73 -24.56
C VAL A 80 -10.80 2.20 -25.81
N GLN A 81 -10.07 1.29 -26.51
CA GLN A 81 -9.32 1.66 -27.72
C GLN A 81 -10.28 2.01 -28.86
N ASP A 82 -11.39 1.28 -28.96
CA ASP A 82 -12.39 1.51 -30.01
C ASP A 82 -13.10 2.86 -29.83
N PHE A 83 -13.46 3.23 -28.58
CA PHE A 83 -14.18 4.47 -28.30
C PHE A 83 -13.29 5.68 -27.92
N ALA A 84 -11.95 5.52 -27.82
CA ALA A 84 -11.07 6.62 -27.37
C ALA A 84 -11.21 7.90 -28.21
N GLY A 85 -11.33 7.75 -29.53
CA GLY A 85 -11.55 8.86 -30.46
C GLY A 85 -12.81 9.63 -30.17
N ASP A 86 -13.94 8.91 -29.97
CA ASP A 86 -15.26 9.49 -29.66
C ASP A 86 -15.25 10.21 -28.30
N PHE A 87 -14.40 9.75 -27.35
CA PHE A 87 -14.29 10.34 -26.01
C PHE A 87 -13.10 11.32 -25.94
N GLN A 88 -12.59 11.75 -27.11
CA GLN A 88 -11.52 12.75 -27.25
C GLN A 88 -10.32 12.45 -26.32
N MET A 89 -9.87 11.20 -26.33
CA MET A 89 -8.79 10.78 -25.45
C MET A 89 -7.43 11.09 -26.07
N LYS A 90 -6.53 11.62 -25.24
CA LYS A 90 -5.16 11.92 -25.63
C LYS A 90 -4.26 10.91 -24.96
N TYR A 91 -3.36 10.30 -25.74
CA TYR A 91 -2.45 9.29 -25.22
C TYR A 91 -1.13 9.93 -24.77
N PRO A 92 -0.45 9.37 -23.75
CA PRO A 92 -0.87 8.19 -22.95
C PRO A 92 -1.87 8.56 -21.87
N PHE A 93 -2.64 7.57 -21.41
CA PHE A 93 -3.55 7.79 -20.29
C PHE A 93 -3.64 6.50 -19.49
N GLU A 94 -4.16 6.64 -18.27
CA GLU A 94 -4.18 5.50 -17.34
C GLU A 94 -5.49 5.48 -16.57
N ILE A 95 -6.12 4.32 -16.56
CA ILE A 95 -7.42 4.11 -15.86
C ILE A 95 -7.23 3.17 -14.65
N GLN A 96 -7.81 3.56 -13.53
CA GLN A 96 -7.80 2.69 -12.32
C GLN A 96 -9.23 2.34 -11.92
N GLY A 97 -9.35 1.19 -11.30
CA GLY A 97 -10.63 0.73 -10.78
C GLY A 97 -10.42 -0.07 -9.52
N ILE A 98 -11.38 0.06 -8.61
CA ILE A 98 -11.37 -0.74 -7.39
C ILE A 98 -12.82 -1.18 -7.12
N ALA A 99 -13.01 -2.41 -6.63
CA ALA A 99 -14.39 -2.87 -6.33
C ALA A 99 -14.30 -3.92 -5.29
N GLY A 100 -15.31 -4.00 -4.45
CA GLY A 100 -15.29 -4.98 -3.39
C GLY A 100 -16.37 -4.72 -2.37
N CYS A 101 -16.14 -5.21 -1.15
CA CYS A 101 -17.13 -5.08 -0.08
C CYS A 101 -16.46 -5.15 1.30
N GLU A 102 -17.13 -4.56 2.29
CA GLU A 102 -16.57 -4.43 3.62
C GLU A 102 -17.60 -4.75 4.69
N LEU A 103 -17.14 -5.37 5.77
CA LEU A 103 -17.99 -5.72 6.92
C LEU A 103 -17.91 -4.60 7.93
N HIS A 104 -19.08 -4.03 8.30
CA HIS A 104 -19.23 -2.93 9.26
C HIS A 104 -19.69 -3.38 10.63
N SER A 105 -19.58 -2.48 11.63
CA SER A 105 -20.09 -2.77 12.98
C SER A 105 -21.59 -2.90 12.85
N GLY A 106 -22.17 -3.93 13.46
CA GLY A 106 -23.59 -4.21 13.32
C GLY A 106 -23.83 -5.32 12.30
N GLY A 107 -22.78 -5.75 11.63
CA GLY A 107 -22.80 -6.85 10.68
C GLY A 107 -23.20 -6.55 9.25
N ALA A 108 -23.55 -5.30 8.92
CA ALA A 108 -23.89 -5.03 7.51
C ALA A 108 -22.67 -5.11 6.62
N ILE A 109 -22.88 -5.61 5.39
CA ILE A 109 -21.82 -5.67 4.38
C ILE A 109 -22.19 -4.66 3.32
N VAL A 110 -21.25 -3.74 3.03
CA VAL A 110 -21.47 -2.64 2.08
C VAL A 110 -20.55 -2.87 0.88
N SER A 111 -21.08 -2.74 -0.34
CA SER A 111 -20.28 -2.97 -1.57
C SER A 111 -19.95 -1.64 -2.23
N PHE A 112 -18.86 -1.62 -2.97
CA PHE A 112 -18.41 -0.39 -3.61
C PHE A 112 -17.70 -0.67 -4.92
N LEU A 113 -17.70 0.34 -5.80
CA LEU A 113 -16.99 0.26 -7.06
C LEU A 113 -16.64 1.69 -7.40
N ARG A 114 -15.36 1.95 -7.64
CA ARG A 114 -14.93 3.30 -8.04
C ARG A 114 -14.00 3.20 -9.22
N GLY A 115 -14.05 4.20 -10.09
CA GLY A 115 -13.16 4.28 -11.25
C GLY A 115 -12.48 5.63 -11.31
N ALA A 116 -11.27 5.66 -11.89
CA ALA A 116 -10.50 6.90 -12.04
C ALA A 116 -9.84 6.99 -13.39
N LEU A 117 -9.66 8.24 -13.85
CA LEU A 117 -8.96 8.55 -15.08
C LEU A 117 -8.00 9.68 -14.76
N GLY A 118 -6.73 9.55 -15.18
CA GLY A 118 -5.70 10.52 -14.87
C GLY A 118 -5.48 10.75 -13.38
N GLY A 119 -5.72 9.72 -12.56
CA GLY A 119 -5.53 9.82 -11.11
C GLY A 119 -6.58 10.63 -10.38
N LEU A 120 -7.70 10.92 -11.06
CA LEU A 120 -8.85 11.63 -10.52
C LEU A 120 -10.06 10.78 -10.60
N ASP A 121 -10.94 10.90 -9.62
CA ASP A 121 -12.20 10.19 -9.57
C ASP A 121 -12.97 10.42 -10.89
N PHE A 122 -13.58 9.35 -11.42
CA PHE A 122 -14.27 9.41 -12.70
C PHE A 122 -15.70 8.92 -12.51
N LEU A 123 -15.90 7.83 -11.77
CA LEU A 123 -17.26 7.34 -11.52
C LEU A 123 -17.29 6.50 -10.26
N SER A 124 -18.50 6.22 -9.78
CA SER A 124 -18.72 5.29 -8.69
C SER A 124 -20.04 4.59 -8.90
N VAL A 125 -20.25 3.47 -8.21
CA VAL A 125 -21.52 2.76 -8.29
C VAL A 125 -22.22 2.94 -6.98
N LYS A 126 -23.42 3.53 -7.04
CA LYS A 126 -24.27 3.76 -5.90
C LYS A 126 -25.60 3.12 -6.19
N ASN A 127 -26.02 2.13 -5.37
CA ASN A 127 -27.30 1.41 -5.49
C ASN A 127 -27.48 0.82 -6.91
N ALA A 128 -26.47 0.06 -7.38
CA ALA A 128 -26.40 -0.58 -8.70
C ALA A 128 -26.57 0.43 -9.87
N SER A 129 -26.22 1.73 -9.65
CA SER A 129 -26.29 2.76 -10.69
C SER A 129 -24.93 3.38 -10.92
N CYS A 130 -24.65 3.79 -12.19
CA CYS A 130 -23.41 4.47 -12.57
C CYS A 130 -23.55 5.93 -12.21
N VAL A 131 -22.69 6.44 -11.30
CA VAL A 131 -22.74 7.83 -10.87
C VAL A 131 -21.47 8.53 -11.37
N PRO A 132 -21.58 9.47 -12.32
CA PRO A 132 -20.36 10.18 -12.75
C PRO A 132 -19.83 11.08 -11.65
N SER A 133 -18.51 11.15 -11.54
N SER A 133 -18.50 11.15 -11.54
CA SER A 133 -17.88 12.02 -10.55
CA SER A 133 -17.87 12.04 -10.56
C SER A 133 -17.69 13.41 -11.17
C SER A 133 -17.73 13.42 -11.18
N PRO A 134 -17.93 14.53 -10.43
CA PRO A 134 -17.72 15.88 -11.04
C PRO A 134 -16.33 16.08 -11.66
N GLU A 135 -15.27 15.47 -11.07
CA GLU A 135 -13.89 15.53 -11.60
C GLU A 135 -13.79 14.93 -13.01
N GLY A 136 -14.70 14.02 -13.32
CA GLY A 136 -14.77 13.34 -14.61
C GLY A 136 -15.41 14.14 -15.73
N GLY A 137 -16.11 15.23 -15.37
CA GLY A 137 -16.77 16.16 -16.28
C GLY A 137 -17.77 15.54 -17.23
N SER A 138 -17.98 16.18 -18.41
CA SER A 138 -18.93 15.64 -19.40
C SER A 138 -18.49 14.24 -19.91
N ARG A 139 -17.18 13.93 -19.92
CA ARG A 139 -16.71 12.62 -20.35
C ARG A 139 -17.32 11.49 -19.47
N ALA A 140 -17.35 11.68 -18.14
CA ALA A 140 -17.91 10.69 -17.21
C ALA A 140 -19.42 10.56 -17.40
N GLN A 141 -20.10 11.68 -17.71
CA GLN A 141 -21.56 11.62 -17.96
C GLN A 141 -21.83 10.78 -19.23
N LYS A 142 -21.05 11.04 -20.28
CA LYS A 142 -21.10 10.33 -21.57
C LYS A 142 -20.81 8.83 -21.35
N PHE A 143 -19.80 8.50 -20.53
CA PHE A 143 -19.42 7.13 -20.22
C PHE A 143 -20.56 6.36 -19.52
N CYS A 144 -21.12 6.93 -18.43
CA CYS A 144 -22.22 6.26 -17.71
C CYS A 144 -23.42 6.02 -18.61
N ALA A 145 -23.78 6.99 -19.46
CA ALA A 145 -24.94 6.86 -20.35
C ALA A 145 -24.72 5.73 -21.37
N LEU A 146 -23.46 5.54 -21.76
CA LEU A 146 -23.12 4.49 -22.75
C LEU A 146 -23.08 3.10 -22.10
N ILE A 147 -22.40 2.97 -20.97
CA ILE A 147 -22.22 1.66 -20.29
C ILE A 147 -23.53 1.02 -19.79
N ILE A 148 -24.46 1.82 -19.31
CA ILE A 148 -25.68 1.23 -18.68
C ILE A 148 -26.57 0.56 -19.74
N GLN A 149 -26.28 0.78 -21.01
CA GLN A 149 -27.01 0.17 -22.11
C GLN A 149 -26.45 -1.23 -22.43
N TYR A 150 -25.39 -1.67 -21.71
CA TYR A 150 -24.81 -3.01 -21.85
C TYR A 150 -25.47 -3.91 -20.81
N GLN A 151 -26.50 -4.64 -21.25
CA GLN A 151 -27.33 -5.52 -20.43
C GLN A 151 -26.49 -6.55 -19.68
N GLY A 152 -25.63 -7.24 -20.40
CA GLY A 152 -24.76 -8.26 -19.81
C GLY A 152 -23.85 -7.69 -18.75
N ILE A 153 -23.27 -6.51 -19.01
CA ILE A 153 -22.31 -5.90 -18.10
C ILE A 153 -22.99 -5.42 -16.79
N MET A 154 -24.12 -4.71 -16.88
CA MET A 154 -24.84 -4.17 -15.73
C MET A 154 -25.28 -5.28 -14.78
N GLU A 155 -25.75 -6.41 -15.34
CA GLU A 155 -26.18 -7.57 -14.57
C GLU A 155 -24.99 -8.28 -13.91
N THR A 156 -23.89 -8.51 -14.66
CA THR A 156 -22.69 -9.16 -14.12
C THR A 156 -22.14 -8.30 -12.96
N VAL A 157 -22.06 -6.97 -13.14
CA VAL A 157 -21.56 -6.08 -12.08
C VAL A 157 -22.47 -6.15 -10.82
N ARG A 158 -23.80 -6.08 -10.99
CA ARG A 158 -24.78 -6.14 -9.88
C ARG A 158 -24.58 -7.45 -9.06
N ILE A 159 -24.51 -8.60 -9.76
CA ILE A 159 -24.35 -9.93 -9.15
C ILE A 159 -23.03 -9.99 -8.38
N LEU A 160 -21.94 -9.57 -9.01
CA LEU A 160 -20.62 -9.61 -8.38
C LEU A 160 -20.55 -8.73 -7.12
N LEU A 161 -21.04 -7.51 -7.20
CA LEU A 161 -20.92 -6.59 -6.04
C LEU A 161 -21.84 -6.98 -4.89
N TYR A 162 -23.09 -7.27 -5.21
CA TYR A 162 -24.11 -7.41 -4.14
C TYR A 162 -24.45 -8.86 -3.77
N GLU A 163 -24.05 -9.82 -4.58
CA GLU A 163 -24.39 -11.22 -4.25
C GLU A 163 -23.12 -12.06 -4.07
N THR A 164 -22.15 -11.91 -4.97
CA THR A 164 -20.94 -12.73 -4.87
C THR A 164 -19.98 -12.20 -3.82
N CYS A 165 -19.67 -10.90 -3.85
CA CYS A 165 -18.69 -10.33 -2.92
C CYS A 165 -19.03 -10.62 -1.41
N PRO A 166 -20.24 -10.34 -0.90
CA PRO A 166 -20.48 -10.52 0.54
C PRO A 166 -20.23 -11.96 1.04
N ARG A 167 -20.68 -12.95 0.27
CA ARG A 167 -20.39 -14.36 0.66
C ARG A 167 -18.89 -14.67 0.50
N TYR A 168 -18.25 -14.11 -0.52
CA TYR A 168 -16.81 -14.39 -0.65
C TYR A 168 -16.05 -13.80 0.56
N LEU A 169 -16.41 -12.59 0.94
CA LEU A 169 -15.71 -11.92 2.06
C LEU A 169 -15.84 -12.75 3.33
N LEU A 170 -17.08 -13.10 3.71
CA LEU A 170 -17.28 -13.85 4.93
C LEU A 170 -16.48 -15.18 4.86
N GLY A 171 -16.59 -15.87 3.73
CA GLY A 171 -15.87 -17.13 3.54
C GLY A 171 -14.36 -17.03 3.64
N VAL A 172 -13.76 -15.97 3.10
CA VAL A 172 -12.29 -15.81 3.12
C VAL A 172 -11.80 -15.27 4.49
N LEU A 173 -12.58 -14.39 5.16
CA LEU A 173 -12.21 -13.94 6.50
C LEU A 173 -12.14 -15.15 7.44
N ASN A 174 -13.09 -16.09 7.28
CA ASN A 174 -13.07 -17.32 8.05
C ASN A 174 -11.91 -18.23 7.62
N ALA A 175 -11.78 -18.52 6.31
CA ALA A 175 -10.73 -19.42 5.80
C ALA A 175 -9.32 -18.98 6.17
N GLY A 176 -9.07 -17.67 6.19
CA GLY A 176 -7.74 -17.18 6.49
C GLY A 176 -7.45 -16.73 7.89
N LYS A 177 -8.35 -17.04 8.85
CA LYS A 177 -8.24 -16.50 10.20
C LYS A 177 -6.91 -16.87 10.92
N ALA A 178 -6.24 -17.99 10.55
CA ALA A 178 -4.95 -18.38 11.15
C ALA A 178 -3.88 -17.33 10.90
N ASP A 179 -3.91 -16.72 9.70
CA ASP A 179 -2.98 -15.65 9.33
C ASP A 179 -3.54 -14.25 9.63
N LEU A 180 -4.82 -14.04 9.36
CA LEU A 180 -5.44 -12.72 9.50
C LEU A 180 -5.57 -12.28 10.97
N GLN A 181 -5.75 -13.26 11.89
CA GLN A 181 -5.95 -12.92 13.30
C GLN A 181 -4.74 -13.34 14.16
N ARG A 182 -3.60 -13.59 13.51
CA ARG A 182 -2.38 -13.94 14.23
C ARG A 182 -1.85 -12.66 14.95
N GLN A 183 -1.05 -12.87 15.98
CA GLN A 183 -0.46 -11.81 16.77
C GLN A 183 1.04 -11.88 16.66
N VAL A 184 1.67 -10.83 16.15
CA VAL A 184 3.11 -10.76 15.96
C VAL A 184 3.66 -9.59 16.78
N LYS A 185 4.60 -9.90 17.69
CA LYS A 185 5.15 -8.91 18.63
C LYS A 185 6.12 -7.92 17.97
N PRO A 186 6.01 -6.63 18.29
CA PRO A 186 6.99 -5.67 17.74
C PRO A 186 8.32 -5.71 18.52
N GLU A 187 9.35 -5.16 17.89
CA GLU A 187 10.61 -4.85 18.54
C GLU A 187 10.75 -3.34 18.44
N ALA A 188 11.43 -2.73 19.40
CA ALA A 188 11.52 -1.29 19.39
C ALA A 188 12.92 -0.86 19.73
N TRP A 189 13.34 0.29 19.18
CA TRP A 189 14.68 0.83 19.44
C TRP A 189 14.70 2.35 19.29
N LEU A 190 15.70 2.99 19.89
CA LEU A 190 15.85 4.43 19.84
C LEU A 190 17.01 4.87 18.98
N SER A 191 16.85 6.02 18.32
CA SER A 191 17.94 6.67 17.58
C SER A 191 17.81 8.21 17.69
N SER A 192 18.89 8.92 17.41
CA SER A 192 18.92 10.39 17.47
C SER A 192 18.87 10.87 16.05
N GLY A 193 17.69 11.40 15.66
CA GLY A 193 17.33 11.86 14.32
C GLY A 193 17.96 13.15 13.81
N PRO A 194 17.47 13.67 12.65
CA PRO A 194 18.04 14.92 12.11
C PRO A 194 17.67 16.11 12.98
N SER A 195 18.68 16.89 13.41
CA SER A 195 18.54 18.07 14.26
C SER A 195 17.55 19.08 13.64
N PRO A 196 16.41 19.38 14.31
CA PRO A 196 15.43 20.30 13.71
C PRO A 196 15.91 21.76 13.61
N GLY A 197 16.97 22.09 14.34
CA GLY A 197 17.57 23.42 14.36
C GLY A 197 18.68 23.55 15.39
N PRO A 198 19.21 24.79 15.59
CA PRO A 198 20.31 24.96 16.56
C PRO A 198 19.89 24.73 18.01
N GLY A 199 20.67 23.91 18.72
CA GLY A 199 20.45 23.58 20.12
C GLY A 199 19.22 22.71 20.37
N ARG A 200 18.73 22.08 19.29
CA ARG A 200 17.56 21.19 19.31
C ARG A 200 17.94 19.81 18.81
N LEU A 201 17.28 18.79 19.35
CA LEU A 201 17.47 17.40 18.96
C LEU A 201 16.17 16.79 18.53
N GLN A 202 16.24 15.76 17.71
CA GLN A 202 15.08 14.96 17.39
C GLN A 202 15.36 13.56 17.89
N LEU A 203 14.44 13.01 18.69
CA LEU A 203 14.59 11.64 19.18
CA LEU A 203 14.55 11.65 19.21
C LEU A 203 13.59 10.79 18.45
N VAL A 204 14.04 9.60 18.04
CA VAL A 204 13.22 8.68 17.24
C VAL A 204 13.02 7.37 17.98
N CYS A 205 11.75 6.97 18.14
CA CYS A 205 11.37 5.68 18.67
C CYS A 205 10.86 4.84 17.50
N HIS A 206 11.59 3.79 17.16
CA HIS A 206 11.23 2.90 16.06
C HIS A 206 10.46 1.69 16.58
N VAL A 207 9.37 1.32 15.90
CA VAL A 207 8.60 0.13 16.28
C VAL A 207 8.43 -0.70 15.00
N SER A 208 8.93 -1.93 15.01
CA SER A 208 8.91 -2.72 13.78
C SER A 208 8.52 -4.17 13.98
N GLY A 209 7.89 -4.75 12.93
CA GLY A 209 7.54 -6.17 12.90
C GLY A 209 6.25 -6.56 13.57
N PHE A 210 5.39 -5.60 13.88
CA PHE A 210 4.12 -5.93 14.57
C PHE A 210 2.99 -6.24 13.58
N TYR A 211 2.07 -7.08 14.02
CA TYR A 211 0.83 -7.43 13.31
C TYR A 211 -0.20 -7.85 14.37
N PRO A 212 -1.47 -7.41 14.37
CA PRO A 212 -2.04 -6.47 13.38
C PRO A 212 -1.55 -5.02 13.44
N LYS A 213 -2.09 -4.18 12.56
CA LYS A 213 -1.64 -2.79 12.43
C LYS A 213 -1.92 -1.89 13.64
N PRO A 214 -3.07 -1.94 14.37
CA PRO A 214 -3.24 -0.98 15.49
C PRO A 214 -2.08 -1.11 16.49
N VAL A 215 -1.49 0.04 16.89
CA VAL A 215 -0.34 0.10 17.81
C VAL A 215 -0.42 1.43 18.55
N TRP A 216 0.24 1.52 19.69
CA TRP A 216 0.29 2.74 20.49
C TRP A 216 1.73 2.98 20.85
N VAL A 217 2.24 4.15 20.45
N VAL A 217 2.24 4.15 20.47
CA VAL A 217 3.64 4.53 20.76
CA VAL A 217 3.65 4.52 20.75
C VAL A 217 3.63 5.94 21.31
C VAL A 217 3.66 5.95 21.29
N MET A 218 4.39 6.20 22.37
CA MET A 218 4.40 7.56 22.92
C MET A 218 5.73 7.89 23.61
N TRP A 219 6.17 9.13 23.48
CA TRP A 219 7.33 9.62 24.26
C TRP A 219 6.77 10.04 25.61
N MET A 220 7.51 9.72 26.69
CA MET A 220 7.06 9.95 28.08
C MET A 220 8.16 10.57 28.93
N ARG A 221 7.74 11.29 29.95
CA ARG A 221 8.63 11.72 31.06
C ARG A 221 7.95 11.11 32.27
N GLY A 222 8.47 10.00 32.75
CA GLY A 222 7.75 9.27 33.80
C GLY A 222 6.41 8.80 33.27
N GLU A 223 5.34 9.11 33.98
CA GLU A 223 4.01 8.70 33.54
C GLU A 223 3.34 9.82 32.69
N GLN A 224 4.08 10.92 32.39
CA GLN A 224 3.51 12.04 31.60
C GLN A 224 3.73 11.83 30.11
N GLU A 225 2.62 11.67 29.36
CA GLU A 225 2.69 11.50 27.90
C GLU A 225 3.10 12.82 27.25
N GLN A 226 4.10 12.82 26.40
CA GLN A 226 4.53 14.08 25.74
C GLN A 226 3.66 14.35 24.52
N GLN A 227 2.81 15.39 24.60
CA GLN A 227 1.87 15.76 23.52
C GLN A 227 2.58 16.09 22.20
N GLY A 228 3.84 16.52 22.29
CA GLY A 228 4.72 16.82 21.16
C GLY A 228 5.09 15.61 20.30
N THR A 229 4.81 14.35 20.79
CA THR A 229 5.09 13.14 20.03
C THR A 229 4.46 13.25 18.65
N GLN A 230 5.27 13.05 17.61
CA GLN A 230 4.82 13.06 16.21
C GLN A 230 4.87 11.65 15.64
N LEU A 231 3.69 11.07 15.34
CA LEU A 231 3.58 9.76 14.76
C LEU A 231 3.84 9.86 13.29
N GLY A 232 4.73 9.00 12.80
CA GLY A 232 5.00 8.89 11.38
C GLY A 232 3.86 8.10 10.76
N ASP A 233 3.84 8.00 9.44
CA ASP A 233 2.83 7.17 8.78
C ASP A 233 3.28 5.70 8.90
N ILE A 234 2.34 4.77 9.04
CA ILE A 234 2.66 3.35 9.15
C ILE A 234 3.24 2.90 7.80
N LEU A 235 4.39 2.21 7.85
CA LEU A 235 5.11 1.73 6.67
C LEU A 235 5.12 0.23 6.65
N PRO A 236 5.10 -0.39 5.45
CA PRO A 236 5.09 -1.85 5.44
C PRO A 236 6.44 -2.50 5.51
N ASN A 237 6.46 -3.70 6.08
CA ASN A 237 7.57 -4.63 5.99
C ASN A 237 7.10 -5.74 5.07
N ALA A 238 8.01 -6.51 4.50
CA ALA A 238 7.60 -7.69 3.74
C ALA A 238 7.01 -8.69 4.75
N ASN A 239 6.20 -9.65 4.30
CA ASN A 239 5.65 -10.72 5.15
C ASN A 239 4.61 -10.26 6.20
N TRP A 240 3.80 -9.28 5.82
CA TRP A 240 2.62 -8.82 6.55
C TRP A 240 2.91 -8.30 7.95
N THR A 241 3.91 -7.43 8.08
CA THR A 241 4.13 -6.71 9.34
C THR A 241 4.35 -5.25 9.03
N TRP A 242 4.34 -4.40 10.08
CA TRP A 242 4.40 -2.97 9.92
CA TRP A 242 4.51 -2.97 9.83
C TRP A 242 5.59 -2.33 10.68
N TYR A 243 5.90 -1.10 10.32
CA TYR A 243 6.96 -0.25 10.86
C TYR A 243 6.41 1.13 11.11
N LEU A 244 6.81 1.72 12.22
CA LEU A 244 6.34 3.05 12.59
C LEU A 244 7.43 3.78 13.35
N ARG A 245 7.61 5.07 13.04
CA ARG A 245 8.50 5.96 13.80
C ARG A 245 7.67 6.95 14.60
N ALA A 246 8.05 7.19 15.86
CA ALA A 246 7.43 8.24 16.69
C ALA A 246 8.55 9.17 17.09
N THR A 247 8.44 10.46 16.69
CA THR A 247 9.53 11.39 16.96
C THR A 247 9.16 12.45 18.00
N LEU A 248 10.17 13.09 18.57
CA LEU A 248 9.99 14.18 19.53
C LEU A 248 11.14 15.18 19.39
N ASP A 249 10.80 16.45 19.12
CA ASP A 249 11.79 17.52 19.02
C ASP A 249 11.94 18.18 20.37
N VAL A 250 13.16 18.21 20.90
CA VAL A 250 13.42 18.78 22.22
C VAL A 250 14.67 19.66 22.20
N ALA A 251 14.77 20.59 23.18
CA ALA A 251 15.98 21.37 23.37
C ALA A 251 17.08 20.43 23.89
N ASP A 252 18.34 20.67 23.49
CA ASP A 252 19.52 19.87 23.86
C ASP A 252 19.54 19.37 25.30
N GLY A 253 19.33 20.28 26.25
CA GLY A 253 19.37 19.95 27.68
C GLY A 253 18.10 19.34 28.25
N GLU A 254 17.10 19.09 27.39
CA GLU A 254 15.78 18.55 27.78
C GLU A 254 15.59 17.09 27.37
N ALA A 255 16.60 16.44 26.73
CA ALA A 255 16.46 15.05 26.31
C ALA A 255 16.56 14.07 27.50
N ALA A 256 17.34 14.40 28.55
CA ALA A 256 17.47 13.53 29.71
C ALA A 256 16.12 13.36 30.38
N GLY A 257 15.80 12.13 30.77
CA GLY A 257 14.55 11.81 31.45
C GLY A 257 13.45 11.29 30.55
N LEU A 258 13.68 11.28 29.21
CA LEU A 258 12.69 10.80 28.26
C LEU A 258 12.74 9.28 28.10
N SER A 259 11.57 8.69 27.80
CA SER A 259 11.45 7.28 27.55
C SER A 259 10.40 7.08 26.47
N CYS A 260 10.45 5.96 25.76
CA CYS A 260 9.41 5.67 24.76
C CYS A 260 8.66 4.41 25.20
N ARG A 261 7.33 4.45 25.20
CA ARG A 261 6.50 3.34 25.64
C ARG A 261 5.70 2.83 24.45
N VAL A 262 5.68 1.51 24.27
CA VAL A 262 4.99 0.84 23.16
C VAL A 262 3.96 -0.13 23.71
N LYS A 263 2.73 -0.03 23.21
CA LYS A 263 1.64 -0.94 23.57
C LYS A 263 1.15 -1.62 22.29
N HIS A 264 0.95 -2.92 22.33
CA HIS A 264 0.46 -3.66 21.15
C HIS A 264 -0.35 -4.85 21.64
N SER A 265 -1.40 -5.20 20.87
CA SER A 265 -2.31 -6.31 21.16
C SER A 265 -1.55 -7.64 21.43
N SER A 266 -0.37 -7.86 20.80
CA SER A 266 0.38 -9.12 20.96
C SER A 266 1.14 -9.20 22.28
N LEU A 267 1.33 -8.07 22.96
CA LEU A 267 2.17 -8.00 24.16
C LEU A 267 1.46 -8.40 25.45
N GLU A 268 0.16 -8.80 25.38
CA GLU A 268 -0.63 -9.25 26.54
C GLU A 268 -0.44 -8.29 27.73
N GLY A 269 -0.62 -6.99 27.46
CA GLY A 269 -0.52 -5.93 28.46
C GLY A 269 0.85 -5.62 29.03
N GLN A 270 1.93 -6.24 28.49
CA GLN A 270 3.31 -6.00 28.94
C GLN A 270 4.02 -5.05 27.97
N ASP A 271 3.86 -3.75 28.22
CA ASP A 271 4.42 -2.69 27.39
C ASP A 271 5.95 -2.76 27.27
N ILE A 272 6.48 -2.23 26.15
CA ILE A 272 7.92 -2.11 25.96
C ILE A 272 8.26 -0.69 26.41
N ILE A 273 9.28 -0.54 27.27
CA ILE A 273 9.71 0.80 27.68
C ILE A 273 11.20 0.91 27.36
N LEU A 274 11.58 1.93 26.58
CA LEU A 274 12.96 2.24 26.20
C LEU A 274 13.35 3.56 26.84
N TYR A 275 14.58 3.68 27.36
CA TYR A 275 15.03 4.91 28.03
C TYR A 275 16.10 5.60 27.25
N TRP A 276 15.89 6.88 26.94
CA TRP A 276 16.92 7.65 26.26
C TRP A 276 17.99 8.07 27.25
N ARG A 277 19.27 7.78 26.96
CA ARG A 277 20.37 8.21 27.82
C ARG A 277 21.24 9.19 27.02
N GLY A 278 21.70 10.28 27.64
CA GLY A 278 22.50 11.28 26.94
C GLY A 278 23.97 10.95 26.84
N SER A 279 24.77 11.89 26.28
CA SER A 279 26.24 11.81 26.14
C SER A 279 26.76 10.56 25.39
N GLY A 280 26.00 10.10 24.40
CA GLY A 280 26.37 8.93 23.60
C GLY A 280 26.34 7.62 24.37
N LEU A 281 25.51 7.55 25.43
CA LEU A 281 25.36 6.31 26.21
C LEU A 281 24.15 5.52 25.70
N ASN A 282 23.70 5.84 24.44
CA ASN A 282 22.58 5.31 23.67
C ASN A 282 21.29 5.97 24.12
N PRO B 1 -6.89 14.40 -15.93
CA PRO B 1 -6.01 13.35 -16.47
C PRO B 1 -4.62 13.87 -16.83
N LYS B 2 -4.31 15.12 -16.42
CA LYS B 2 -3.07 15.78 -16.76
C LYS B 2 -2.10 15.92 -15.60
N ILE B 3 -2.61 16.14 -14.36
CA ILE B 3 -1.73 16.32 -13.20
C ILE B 3 -1.01 15.00 -12.85
N GLN B 4 0.30 15.12 -12.75
CA GLN B 4 1.18 14.01 -12.39
C GLN B 4 1.67 14.29 -10.99
N ARG B 5 2.01 13.23 -10.24
CA ARG B 5 2.45 13.37 -8.86
C ARG B 5 3.76 12.66 -8.70
N THR B 6 4.73 13.34 -8.09
CA THR B 6 6.08 12.80 -7.96
C THR B 6 6.17 11.85 -6.77
N PRO B 7 6.99 10.81 -6.87
CA PRO B 7 7.06 9.85 -5.74
C PRO B 7 7.74 10.37 -4.50
N LYS B 8 7.17 9.96 -3.36
CA LYS B 8 7.74 10.08 -2.02
C LYS B 8 8.61 8.82 -1.86
N ILE B 9 9.80 8.94 -1.24
CA ILE B 9 10.75 7.83 -1.10
C ILE B 9 11.20 7.75 0.34
N GLN B 10 10.94 6.58 0.99
CA GLN B 10 11.29 6.37 2.39
C GLN B 10 12.09 5.10 2.50
N VAL B 11 13.29 5.22 3.09
CA VAL B 11 14.27 4.13 3.22
C VAL B 11 14.49 3.78 4.68
N TYR B 12 14.34 2.49 5.01
CA TYR B 12 14.41 2.06 6.41
C TYR B 12 14.82 0.60 6.50
N SER B 13 15.41 0.21 7.63
CA SER B 13 15.76 -1.19 7.88
C SER B 13 14.66 -1.86 8.68
N ARG B 14 14.46 -3.16 8.42
CA ARG B 14 13.47 -3.98 9.14
C ARG B 14 13.83 -4.07 10.64
N HIS B 15 15.11 -4.28 10.94
CA HIS B 15 15.62 -4.46 12.30
C HIS B 15 16.60 -3.34 12.64
N PRO B 16 16.87 -3.05 13.93
CA PRO B 16 17.90 -2.04 14.24
C PRO B 16 19.22 -2.44 13.60
N ALA B 17 19.94 -1.46 13.01
CA ALA B 17 21.22 -1.73 12.35
C ALA B 17 22.27 -2.17 13.35
N GLU B 18 22.85 -3.35 13.12
CA GLU B 18 23.96 -3.88 13.92
C GLU B 18 25.01 -4.30 12.91
N ASN B 19 26.17 -3.62 12.90
CA ASN B 19 27.23 -3.90 11.95
C ASN B 19 27.61 -5.38 11.93
N GLY B 20 27.57 -5.98 10.73
CA GLY B 20 27.90 -7.38 10.53
C GLY B 20 26.74 -8.34 10.71
N LYS B 21 25.56 -7.81 11.10
CA LYS B 21 24.37 -8.62 11.31
C LYS B 21 23.43 -8.47 10.13
N SER B 22 22.98 -9.62 9.57
CA SER B 22 22.07 -9.65 8.43
C SER B 22 20.74 -8.98 8.79
N ASN B 23 20.24 -8.15 7.87
CA ASN B 23 19.02 -7.37 8.06
C ASN B 23 18.28 -7.29 6.73
N PHE B 24 17.26 -6.43 6.65
CA PHE B 24 16.51 -6.19 5.43
C PHE B 24 16.39 -4.69 5.22
N LEU B 25 16.72 -4.24 4.01
CA LEU B 25 16.64 -2.85 3.60
C LEU B 25 15.34 -2.66 2.82
N ASN B 26 14.51 -1.71 3.28
CA ASN B 26 13.23 -1.40 2.64
C ASN B 26 13.23 -0.04 1.96
N CYS B 27 12.56 0.04 0.78
CA CYS B 27 12.33 1.31 0.12
C CYS B 27 10.89 1.37 -0.28
N TYR B 28 10.16 2.26 0.36
CA TYR B 28 8.75 2.46 0.13
C TYR B 28 8.59 3.67 -0.73
N VAL B 29 8.00 3.48 -1.93
CA VAL B 29 7.79 4.53 -2.90
CA VAL B 29 7.78 4.56 -2.88
C VAL B 29 6.29 4.76 -3.00
N SER B 30 5.83 5.98 -2.75
CA SER B 30 4.39 6.21 -2.72
C SER B 30 4.01 7.56 -3.25
N GLY B 31 2.70 7.79 -3.35
CA GLY B 31 2.17 9.08 -3.75
C GLY B 31 2.41 9.52 -5.17
N PHE B 32 2.70 8.56 -6.05
CA PHE B 32 3.05 8.92 -7.45
C PHE B 32 1.94 8.56 -8.46
N HIS B 33 1.94 9.30 -9.56
CA HIS B 33 1.01 9.09 -10.70
C HIS B 33 1.68 9.66 -11.95
N PRO B 34 1.74 8.97 -13.09
CA PRO B 34 1.19 7.64 -13.32
C PRO B 34 2.02 6.49 -12.73
N SER B 35 1.60 5.24 -13.00
CA SER B 35 2.22 4.08 -12.34
C SER B 35 3.61 3.68 -12.78
N ASP B 36 4.01 3.92 -14.05
CA ASP B 36 5.31 3.44 -14.53
C ASP B 36 6.41 4.06 -13.70
N ILE B 37 7.29 3.23 -13.17
CA ILE B 37 8.37 3.68 -12.28
C ILE B 37 9.51 2.67 -12.31
N GLU B 38 10.74 3.16 -12.11
CA GLU B 38 11.91 2.31 -12.00
C GLU B 38 12.51 2.54 -10.60
N VAL B 39 12.71 1.46 -9.84
CA VAL B 39 13.24 1.56 -8.49
C VAL B 39 14.40 0.59 -8.35
N ASP B 40 15.54 1.10 -7.87
CA ASP B 40 16.69 0.27 -7.59
C ASP B 40 17.18 0.49 -6.17
N LEU B 41 17.77 -0.56 -5.58
CA LEU B 41 18.44 -0.46 -4.30
C LEU B 41 19.91 -0.46 -4.60
N LEU B 42 20.66 0.44 -3.98
CA LEU B 42 22.09 0.58 -4.25
C LEU B 42 22.97 0.28 -3.04
N LYS B 43 24.16 -0.27 -3.30
CA LYS B 43 25.21 -0.49 -2.32
C LYS B 43 26.42 0.25 -2.86
N ASN B 44 26.83 1.30 -2.16
CA ASN B 44 27.99 2.15 -2.57
C ASN B 44 27.82 2.59 -4.03
N GLY B 45 26.64 3.09 -4.40
CA GLY B 45 26.31 3.54 -5.75
C GLY B 45 26.07 2.49 -6.81
N GLU B 46 26.30 1.20 -6.49
CA GLU B 46 26.10 0.10 -7.44
C GLU B 46 24.74 -0.55 -7.21
N ARG B 47 24.03 -0.89 -8.31
CA ARG B 47 22.72 -1.55 -8.23
C ARG B 47 22.82 -2.95 -7.63
N ILE B 48 21.93 -3.28 -6.67
CA ILE B 48 21.80 -4.61 -6.07
C ILE B 48 20.90 -5.40 -7.04
N GLU B 49 21.37 -6.58 -7.49
CA GLU B 49 20.68 -7.38 -8.50
C GLU B 49 19.45 -8.10 -7.96
N LYS B 50 19.57 -8.71 -6.77
CA LYS B 50 18.49 -9.48 -6.15
C LYS B 50 17.71 -8.60 -5.18
N VAL B 51 16.66 -7.96 -5.70
CA VAL B 51 15.76 -7.11 -4.93
C VAL B 51 14.37 -7.64 -5.18
N GLU B 52 13.53 -7.71 -4.15
CA GLU B 52 12.15 -8.15 -4.32
C GLU B 52 11.25 -6.92 -4.28
N HIS B 53 10.03 -7.01 -4.86
CA HIS B 53 9.09 -5.89 -4.79
C HIS B 53 7.66 -6.37 -4.80
N SER B 54 6.77 -5.54 -4.26
CA SER B 54 5.34 -5.80 -4.19
C SER B 54 4.69 -5.60 -5.55
N ASP B 55 3.53 -6.24 -5.74
CA ASP B 55 2.72 -5.96 -6.93
C ASP B 55 2.16 -4.56 -6.78
N LEU B 56 1.82 -3.92 -7.89
CA LEU B 56 1.29 -2.57 -7.87
C LEU B 56 0.03 -2.44 -7.00
N SER B 57 -0.01 -1.39 -6.17
CA SER B 57 -1.22 -1.04 -5.44
C SER B 57 -1.40 0.49 -5.47
N PHE B 58 -2.55 0.97 -4.96
CA PHE B 58 -2.77 2.40 -4.92
C PHE B 58 -3.63 2.73 -3.72
N SER B 59 -3.49 3.97 -3.25
N SER B 59 -3.48 3.97 -3.23
CA SER B 59 -4.23 4.49 -2.10
CA SER B 59 -4.25 4.45 -2.09
C SER B 59 -5.62 4.97 -2.53
C SER B 59 -5.62 4.98 -2.53
N LYS B 60 -6.46 5.38 -1.57
CA LYS B 60 -7.81 5.87 -1.86
C LYS B 60 -7.78 7.16 -2.72
N ASP B 61 -6.68 7.93 -2.67
CA ASP B 61 -6.54 9.14 -3.49
C ASP B 61 -6.01 8.81 -4.90
N TRP B 62 -5.91 7.50 -5.23
CA TRP B 62 -5.47 6.95 -6.52
C TRP B 62 -3.94 6.98 -6.76
N SER B 63 -3.15 7.46 -5.77
N SER B 63 -3.15 7.53 -5.81
CA SER B 63 -1.68 7.48 -5.86
CA SER B 63 -1.70 7.54 -5.99
C SER B 63 -1.13 6.08 -5.71
C SER B 63 -1.14 6.13 -5.75
N PHE B 64 -0.17 5.71 -6.56
CA PHE B 64 0.42 4.39 -6.49
C PHE B 64 1.47 4.23 -5.41
N TYR B 65 1.67 2.99 -4.96
CA TYR B 65 2.75 2.72 -4.01
C TYR B 65 3.30 1.33 -4.20
N LEU B 66 4.59 1.21 -3.90
CA LEU B 66 5.34 -0.03 -4.00
C LEU B 66 6.35 -0.17 -2.88
N LEU B 67 6.59 -1.42 -2.45
CA LEU B 67 7.65 -1.73 -1.49
C LEU B 67 8.72 -2.53 -2.21
N TYR B 68 9.98 -2.05 -2.16
CA TYR B 68 11.17 -2.76 -2.66
C TYR B 68 12.00 -3.16 -1.45
N TYR B 69 12.56 -4.36 -1.44
CA TYR B 69 13.33 -4.79 -0.27
C TYR B 69 14.38 -5.79 -0.65
N THR B 70 15.42 -5.85 0.16
CA THR B 70 16.48 -6.83 -0.05
C THR B 70 17.16 -7.16 1.26
N GLU B 71 17.74 -8.36 1.35
CA GLU B 71 18.59 -8.72 2.48
C GLU B 71 19.85 -7.88 2.38
N PHE B 72 20.36 -7.36 3.51
CA PHE B 72 21.59 -6.60 3.52
C PHE B 72 22.32 -6.77 4.86
N THR B 73 23.65 -6.69 4.83
N THR B 73 23.64 -6.70 4.84
CA THR B 73 24.52 -6.79 5.99
CA THR B 73 24.47 -6.80 6.05
C THR B 73 25.17 -5.42 6.19
C THR B 73 25.17 -5.43 6.21
N PRO B 74 24.60 -4.51 7.03
CA PRO B 74 25.23 -3.18 7.18
C PRO B 74 26.57 -3.26 7.92
N THR B 75 27.50 -2.40 7.51
CA THR B 75 28.82 -2.22 8.12
C THR B 75 28.95 -0.72 8.44
N GLU B 76 30.11 -0.31 8.97
CA GLU B 76 30.40 1.08 9.34
C GLU B 76 30.54 1.99 8.11
N LYS B 77 31.31 1.56 7.08
CA LYS B 77 31.59 2.39 5.90
C LYS B 77 30.61 2.21 4.72
N ASP B 78 29.99 1.02 4.55
CA ASP B 78 29.09 0.79 3.41
C ASP B 78 27.87 1.70 3.42
N GLU B 79 27.56 2.25 2.26
CA GLU B 79 26.41 3.13 2.08
C GLU B 79 25.31 2.40 1.30
N TYR B 80 24.04 2.68 1.63
CA TYR B 80 22.91 2.06 0.96
C TYR B 80 21.94 3.14 0.57
N ALA B 81 21.24 2.96 -0.56
CA ALA B 81 20.27 3.95 -1.01
C ALA B 81 19.20 3.36 -1.88
N CYS B 82 18.16 4.16 -2.11
CA CYS B 82 17.07 3.87 -3.01
C CYS B 82 17.11 4.89 -4.13
N ARG B 83 17.12 4.41 -5.38
CA ARG B 83 17.20 5.24 -6.58
C ARG B 83 15.92 5.06 -7.38
N VAL B 84 15.24 6.18 -7.65
CA VAL B 84 13.96 6.13 -8.35
C VAL B 84 13.92 7.02 -9.60
N ASN B 85 13.33 6.48 -10.68
CA ASN B 85 13.08 7.31 -11.86
CA ASN B 85 13.11 7.15 -11.97
C ASN B 85 11.61 7.17 -12.24
N HIS B 86 11.04 8.33 -12.61
CA HIS B 86 9.61 8.50 -12.90
C HIS B 86 9.47 9.62 -13.93
N VAL B 87 8.36 9.65 -14.67
CA VAL B 87 8.15 10.68 -15.72
C VAL B 87 8.19 12.14 -15.13
N THR B 88 7.88 12.31 -13.84
CA THR B 88 7.90 13.61 -13.14
C THR B 88 9.32 14.09 -12.79
N LEU B 89 10.33 13.21 -12.92
CA LEU B 89 11.73 13.51 -12.57
C LEU B 89 12.57 13.65 -13.81
N SER B 90 13.44 14.65 -13.87
CA SER B 90 14.29 14.78 -15.03
C SER B 90 15.51 13.86 -14.93
N GLN B 91 15.96 13.57 -13.70
CA GLN B 91 17.10 12.70 -13.35
C GLN B 91 16.64 11.73 -12.28
N PRO B 92 17.34 10.58 -12.06
CA PRO B 92 16.92 9.71 -10.94
C PRO B 92 17.10 10.39 -9.59
N LYS B 93 16.16 10.15 -8.67
CA LYS B 93 16.22 10.67 -7.31
C LYS B 93 16.80 9.58 -6.41
N ILE B 94 17.86 9.92 -5.64
CA ILE B 94 18.54 8.99 -4.73
C ILE B 94 18.28 9.41 -3.27
N VAL B 95 17.74 8.48 -2.47
CA VAL B 95 17.53 8.70 -1.03
C VAL B 95 18.40 7.68 -0.30
N LYS B 96 19.35 8.18 0.49
CA LYS B 96 20.28 7.31 1.20
C LYS B 96 19.65 6.78 2.48
N TRP B 97 19.99 5.53 2.82
CA TRP B 97 19.60 4.94 4.09
C TRP B 97 20.43 5.59 5.19
N ASP B 98 19.79 5.94 6.31
CA ASP B 98 20.49 6.55 7.44
C ASP B 98 19.94 5.99 8.75
N ARG B 99 20.69 5.10 9.40
CA ARG B 99 20.27 4.51 10.67
C ARG B 99 20.04 5.59 11.77
N ASP B 100 20.69 6.77 11.63
CA ASP B 100 20.60 7.90 12.55
C ASP B 100 19.73 9.01 11.96
C1 NAG C . -19.57 -19.17 1.96
C2 NAG C . -20.77 -19.97 1.45
C3 NAG C . -22.02 -19.08 1.40
C4 NAG C . -22.27 -18.42 2.75
C5 NAG C . -21.01 -17.73 3.28
C6 NAG C . -21.13 -17.31 4.72
C7 NAG C . -20.24 -19.89 -1.00
C8 NAG C . -19.82 -20.71 -2.18
N2 NAG C . -20.48 -20.58 0.15
O3 NAG C . -23.17 -19.85 1.04
O4 NAG C . -23.34 -17.48 2.65
O5 NAG C . -19.88 -18.62 3.23
O6 NAG C . -21.43 -18.46 5.53
O7 NAG C . -20.41 -18.67 -1.08
C1 NAG C . -24.39 -17.58 3.60
C2 NAG C . -25.34 -16.40 3.37
C3 NAG C . -26.53 -16.54 4.33
C4 NAG C . -27.21 -17.89 4.14
C5 NAG C . -26.21 -19.02 4.30
C6 NAG C . -26.79 -20.37 3.95
C7 NAG C . -24.46 -14.21 2.65
C8 NAG C . -23.88 -12.91 3.12
N2 NAG C . -24.64 -15.15 3.61
O3 NAG C . -27.46 -15.49 4.09
O4 NAG C . -28.25 -18.06 5.10
O5 NAG C . -25.08 -18.82 3.42
O6 NAG C . -25.88 -21.40 4.29
O7 NAG C . -24.75 -14.41 1.48
C1 BMA C . -29.55 -18.00 4.61
C2 BMA C . -30.45 -18.93 5.43
C3 BMA C . -31.86 -18.84 4.87
C4 BMA C . -32.36 -17.40 4.90
C5 BMA C . -31.39 -16.48 4.16
C6 BMA C . -31.74 -15.04 4.36
O2 BMA C . -30.45 -18.54 6.78
O3 BMA C . -32.76 -19.68 5.61
O4 BMA C . -33.64 -17.31 4.27
O5 BMA C . -30.04 -16.66 4.66
O6 BMA C . -30.89 -14.20 3.60
C1 MAN C . -33.02 -20.97 5.06
C2 MAN C . -34.33 -21.50 5.63
C3 MAN C . -34.20 -21.78 7.12
C4 MAN C . -32.99 -22.66 7.42
C5 MAN C . -31.74 -22.08 6.79
C6 MAN C . -30.52 -22.97 6.92
O2 MAN C . -34.68 -22.68 4.92
O3 MAN C . -35.39 -22.40 7.63
O4 MAN C . -32.81 -22.73 8.83
O5 MAN C . -31.95 -21.87 5.38
O6 MAN C . -29.42 -22.44 6.19
C1 MAN C . -31.43 -12.93 3.41
C2 MAN C . -30.50 -12.18 2.46
C3 MAN C . -29.19 -11.83 3.17
C4 MAN C . -29.43 -11.07 4.48
C5 MAN C . -30.39 -11.87 5.37
C6 MAN C . -30.82 -11.12 6.61
O2 MAN C . -31.16 -11.01 1.99
O3 MAN C . -28.32 -11.09 2.31
O4 MAN C . -28.20 -10.87 5.16
O5 MAN C . -31.59 -12.19 4.64
O6 MAN C . -31.72 -11.88 7.45
C1 FUC C . -23.62 -19.83 -0.32
C2 FUC C . -24.49 -21.06 -0.59
C3 FUC C . -25.82 -20.93 0.15
C4 FUC C . -26.53 -19.62 -0.20
C5 FUC C . -25.59 -18.44 0.08
C6 FUC C . -26.12 -17.09 -0.33
O2 FUC C . -23.81 -22.24 -0.19
O3 FUC C . -26.65 -22.05 -0.13
O4 FUC C . -26.94 -19.65 -1.56
O5 FUC C . -24.35 -18.63 -0.64
C1 FUC C . -21.52 -18.25 6.91
C2 FUC C . -21.82 -19.61 7.57
C3 FUC C . -20.56 -20.48 7.68
C4 FUC C . -19.40 -19.71 8.31
C5 FUC C . -19.16 -18.44 7.49
C6 FUC C . -18.06 -17.55 8.02
O2 FUC C . -22.83 -20.29 6.84
O3 FUC C . -20.84 -21.65 8.45
O4 FUC C . -19.72 -19.36 9.65
O5 FUC C . -20.35 -17.64 7.48
C1 NAG D . 2.69 2.12 -29.31
C2 NAG D . 3.65 2.33 -30.49
C3 NAG D . 4.46 1.05 -30.64
C4 NAG D . 5.16 0.70 -29.34
C5 NAG D . 4.10 0.53 -28.25
C6 NAG D . 4.63 0.16 -26.88
C7 NAG D . 2.81 3.89 -32.21
C8 NAG D . 2.03 4.01 -33.50
N2 NAG D . 2.93 2.66 -31.71
O3 NAG D . 5.41 1.17 -31.71
O4 NAG D . 6.00 -0.44 -29.48
O5 NAG D . 3.36 1.75 -28.10
O6 NAG D . 5.42 1.19 -26.30
O7 NAG D . 3.29 4.87 -31.65
C1 FUC D . 5.09 0.54 -32.96
C2 FUC D . 6.04 1.04 -34.07
C3 FUC D . 7.39 0.36 -34.02
C4 FUC D . 7.26 -1.16 -33.94
C5 FUC D . 6.38 -1.52 -32.75
C6 FUC D . 6.13 -3.01 -32.59
O2 FUC D . 6.19 2.46 -33.97
O3 FUC D . 8.17 0.72 -35.15
O4 FUC D . 6.73 -1.68 -35.16
O5 FUC D . 5.09 -0.90 -32.90
C1 NAG D . 7.37 -0.30 -29.12
C2 NAG D . 7.99 -1.69 -28.95
C3 NAG D . 9.48 -1.52 -28.59
C4 NAG D . 10.17 -0.60 -29.60
C5 NAG D . 9.45 0.74 -29.69
C6 NAG D . 10.04 1.71 -30.69
C7 NAG D . 6.42 -3.40 -28.10
C8 NAG D . 5.95 -4.14 -26.88
N2 NAG D . 7.30 -2.41 -27.89
O3 NAG D . 10.11 -2.79 -28.56
O4 NAG D . 11.51 -0.39 -29.17
O5 NAG D . 8.07 0.52 -30.05
O6 NAG D . 9.78 1.33 -32.03
O7 NAG D . 6.00 -3.67 -29.23
C1 FUC D . 6.38 0.73 -25.39
C2 FUC D . 7.41 1.84 -25.15
C3 FUC D . 6.80 2.97 -24.33
C4 FUC D . 6.19 2.45 -23.03
C5 FUC D . 5.19 1.33 -23.34
C6 FUC D . 4.61 0.67 -22.12
O2 FUC D . 7.89 2.33 -26.40
O3 FUC D . 7.77 3.98 -24.06
O4 FUC D . 7.21 1.99 -22.15
O5 FUC D . 5.82 0.31 -24.13
N L9Q E . -16.27 -16.46 -19.10
P L9Q E . -19.09 -12.51 -18.80
C1 L9Q E . -17.27 -10.61 -18.38
C2 L9Q E . -17.95 -9.23 -18.54
O2 L9Q E . -18.63 -8.84 -17.35
C3 L9Q E . -16.99 -8.17 -19.07
O3 L9Q E . -16.66 -8.55 -20.38
C4 L9Q E . -17.19 -14.27 -18.99
C5 L9Q E . -17.50 -15.73 -19.33
C11 L9Q E . -17.20 -7.67 -21.32
O11 L9Q E . -18.35 -7.76 -21.58
C12 L9Q E . -16.30 -6.59 -21.97
C13 L9Q E . -16.71 -5.23 -21.42
C14 L9Q E . -15.64 -4.14 -21.45
C15 L9Q E . -15.63 -3.34 -20.15
C16 L9Q E . -15.57 -1.84 -20.38
C17 L9Q E . -16.49 -1.07 -19.45
C18 L9Q E . -15.82 -0.63 -18.13
C19 L9Q E . -16.57 -1.18 -16.91
O1P L9Q E . -19.99 -13.34 -17.93
C20 L9Q E . -17.18 -0.04 -16.07
C21 L9Q E . -18.07 -0.57 -14.93
C22 L9Q E . -18.58 0.57 -14.03
C23 L9Q E . -20.06 0.96 -14.26
C24 L9Q E . -21.04 -0.10 -13.73
C25 L9Q E . -22.42 0.44 -13.40
C26 L9Q E . -23.21 -0.57 -12.56
O2P L9Q E . -19.93 -11.69 -19.76
C31 L9Q E . -18.15 -7.85 -16.47
O31 L9Q E . -18.75 -6.84 -16.40
C32 L9Q E . -16.92 -8.08 -15.57
C33 L9Q E . -17.04 -7.42 -14.19
C34 L9Q E . -15.78 -6.66 -13.74
C35 L9Q E . -16.03 -5.67 -12.56
C36 L9Q E . -16.93 -6.24 -11.43
C37 L9Q E . -16.45 -5.90 -10.00
C38 L9Q E . -16.13 -7.17 -9.17
C39 L9Q E . -16.48 -6.91 -7.68
O3P L9Q E . -18.19 -11.51 -17.82
C40 L9Q E . -16.14 -7.72 -6.68
C41 L9Q E . -15.37 -9.03 -6.86
C42 L9Q E . -16.24 -10.17 -6.39
C43 L9Q E . -15.51 -11.02 -5.35
C44 L9Q E . -15.26 -12.45 -5.82
C45 L9Q E . -13.76 -12.77 -5.97
C46 L9Q E . -13.48 -14.23 -5.62
C47 L9Q E . -12.00 -14.62 -5.74
C48 L9Q E . -11.78 -16.14 -5.54
O4P L9Q E . -18.10 -13.48 -19.69
NI NI F . -15.97 13.45 -24.31
CBD CUY G . -8.49 -12.77 -9.08
CBE CUY G . -8.29 -11.33 -8.64
CBF CUY G . -8.71 -10.37 -9.76
CBG CUY G . -7.58 -9.55 -10.35
CBH CUY G . -7.95 -9.06 -11.76
CBI CUY G . -8.39 -7.60 -11.80
CBJ CUY G . -9.91 -7.45 -11.78
CBK CUY G . -10.42 -6.28 -12.62
CBL CUY G . -11.77 -5.79 -12.10
CBM CUY G . -11.72 -4.46 -11.36
CAW CUY G . -13.15 -3.92 -11.20
CAV CUY G . -13.26 -2.42 -10.98
CAU CUY G . -14.17 -1.73 -12.00
CAT CUY G . -13.42 -0.58 -12.67
CAS CUY G . -14.21 0.09 -13.76
CAR CUY G . -14.10 1.61 -13.68
OAQ CUY G . -13.39 2.09 -14.78
CAP CUY G . -13.68 3.40 -15.18
OBO CUY G . -13.88 4.26 -14.39
CAO CUY G . -13.72 3.75 -16.65
CAN CUY G . -12.84 4.94 -16.98
CAM CUY G . -13.17 5.42 -18.39
CAL CUY G . -12.39 6.64 -18.84
CAK CUY G . -12.87 7.15 -20.20
CAJ CUY G . -12.36 6.31 -21.38
CAI CUY G . -13.05 6.66 -22.70
CAH CUY G . -13.25 5.45 -23.63
CAG CUY G . -14.70 4.98 -23.62
CAF CUY G . -14.93 3.48 -23.46
CAE CUY G . -16.41 3.09 -23.52
CAD CUY G . -16.68 1.59 -23.37
CAC CUY G . -18.18 1.26 -23.50
CAB CUY G . -18.47 -0.22 -23.30
C1 CUY G . -9.57 -13.54 -8.31
C2 CUY G . -10.00 -14.82 -9.03
CL CL H . -4.82 -11.22 -19.24
CL CL I . -2.64 20.04 24.91
CL CL J . 17.39 1.22 22.09
CL CL K . -4.15 -5.46 9.70
I IOD L . -24.06 -15.00 7.21
C1 EDO M . -22.19 -15.59 -12.88
O1 EDO M . -21.61 -16.71 -12.23
C2 EDO M . -21.75 -14.30 -12.15
O2 EDO M . -22.16 -13.18 -12.90
I IOD N . 24.71 4.72 -1.92
C1 EDO O . 0.41 6.74 -17.90
O1 EDO O . 1.52 6.09 -18.41
C2 EDO O . 0.14 7.85 -18.82
O2 EDO O . -0.67 8.70 -18.28
C1 EDO P . 4.95 -5.52 0.54
O1 EDO P . 3.86 -5.14 1.38
C2 EDO P . 5.11 -7.03 0.47
O2 EDO P . 6.22 -7.33 -0.35
C1 EDO Q . 13.16 16.70 -10.28
O1 EDO Q . 13.11 16.55 -11.69
C2 EDO Q . 14.60 16.46 -9.79
O2 EDO Q . 15.32 15.72 -10.76
#